data_2VQD
#
_entry.id   2VQD
#
_cell.length_a   64.227
_cell.length_b   126.786
_cell.length_c   49.878
_cell.angle_alpha   90.00
_cell.angle_beta   90.00
_cell.angle_gamma   90.00
#
_symmetry.space_group_name_H-M   'P 21 21 2'
#
loop_
_entity.id
_entity.type
_entity.pdbx_description
1 polymer 'BIOTIN CARBOXYLASE'
2 non-polymer 'PHOSPHOMETHYLPHOSPHONIC ACID ADENOSYL ESTER'
3 non-polymer 'MAGNESIUM ION'
4 non-polymer 'SULFATE ION'
5 water water
#
_entity_poly.entity_id   1
_entity_poly.type   'polypeptide(L)'
_entity_poly.pdbx_seq_one_letter_code
;MLEKVLIANRGEIALRILRACKELGIKTVAVHSTADRELMHLSLADESVCIGPAPATQSYLQIPAIIAAAEVTGATAIHP
GYGFLAENADFAEQIERSGFTFVGPTAEVIRLMGDKVSAKDAMKRAGVPTVPGSDGPLPEDEETALAIAREVGYPVIIKA
AGGGGGRGMRVVYDESELIKSAKLTRTEAGAAFGNPMVYLEKFLTNPRHVEVQVLSDGQGNAIHLGDRDCSLQRRHQKVI
EEAPAPGIDEKARQEVFARCVQACIEIGYRGAGTFEFLYENGRFYFIEMNTRVQVEHPVSEMVTGVDIVKEMLRIASGEK
LSIRQEDVVIRGHALECRINAEDPKTFMPSPGKVKHFHAPGGNGVRVDSHLYSGYSVPPNYDSLVGKVITYGADRDEALA
RMRNALDELIVDGIKTNTELHKDLVRDAAFCKGGVNIHYLEKKLGMDKHGSENLYFQGHHHHHH
;
_entity_poly.pdbx_strand_id   A
#
loop_
_chem_comp.id
_chem_comp.type
_chem_comp.name
_chem_comp.formula
AP2 non-polymer 'PHOSPHOMETHYLPHOSPHONIC ACID ADENOSYL ESTER' 'C11 H17 N5 O9 P2'
MG non-polymer 'MAGNESIUM ION' 'Mg 2'
SO4 non-polymer 'SULFATE ION' 'O4 S -2'
#
# COMPACT_ATOMS: atom_id res chain seq x y z
N MET A 1 -3.03 -12.85 -24.09
CA MET A 1 -3.72 -12.18 -22.95
C MET A 1 -4.52 -13.17 -22.10
N LEU A 2 -4.53 -12.94 -20.79
CA LEU A 2 -5.21 -13.81 -19.81
C LEU A 2 -6.70 -13.94 -20.10
N GLU A 3 -7.17 -15.20 -20.17
CA GLU A 3 -8.57 -15.51 -20.52
C GLU A 3 -9.53 -14.89 -19.52
N LYS A 4 -9.36 -15.24 -18.25
CA LYS A 4 -10.32 -14.91 -17.21
C LYS A 4 -9.63 -14.69 -15.88
N VAL A 5 -9.88 -13.55 -15.25
CA VAL A 5 -9.28 -13.23 -13.96
C VAL A 5 -10.34 -13.24 -12.85
N LEU A 6 -10.01 -13.95 -11.77
CA LEU A 6 -10.79 -13.87 -10.52
C LEU A 6 -10.17 -12.79 -9.64
N ILE A 7 -11.02 -11.91 -9.12
CA ILE A 7 -10.57 -10.75 -8.34
C ILE A 7 -10.79 -11.10 -6.87
N ALA A 8 -9.71 -11.49 -6.19
CA ALA A 8 -9.79 -12.00 -4.82
C ALA A 8 -9.71 -10.84 -3.84
N ASN A 9 -10.73 -9.98 -3.90
CA ASN A 9 -10.81 -8.79 -3.08
C ASN A 9 -12.21 -8.20 -3.18
N ARG A 10 -12.36 -6.98 -2.68
CA ARG A 10 -13.65 -6.33 -2.54
C ARG A 10 -13.49 -4.82 -2.69
N GLY A 11 -14.58 -4.09 -2.48
CA GLY A 11 -14.49 -2.64 -2.36
C GLY A 11 -13.92 -1.97 -3.59
N GLU A 12 -13.10 -0.94 -3.36
CA GLU A 12 -12.65 -0.06 -4.43
C GLU A 12 -11.57 -0.72 -5.30
N ILE A 13 -10.69 -1.50 -4.68
CA ILE A 13 -9.61 -2.17 -5.41
C ILE A 13 -10.15 -3.25 -6.33
N ALA A 14 -11.25 -3.88 -5.94
CA ALA A 14 -11.92 -4.88 -6.76
C ALA A 14 -12.46 -4.23 -8.03
N LEU A 15 -13.03 -3.04 -7.87
CA LEU A 15 -13.59 -2.27 -8.98
C LEU A 15 -12.48 -1.76 -9.90
N ARG A 16 -11.40 -1.28 -9.29
CA ARG A 16 -10.19 -0.85 -10.00
C ARG A 16 -9.67 -1.95 -10.93
N ILE A 17 -9.59 -3.16 -10.38
CA ILE A 17 -9.05 -4.31 -11.10
C ILE A 17 -9.98 -4.74 -12.23
N LEU A 18 -11.28 -4.66 -11.98
CA LEU A 18 -12.27 -5.00 -12.99
C LEU A 18 -12.17 -4.05 -14.18
N ARG A 19 -12.01 -2.76 -13.90
CA ARG A 19 -11.86 -1.75 -14.95
C ARG A 19 -10.68 -2.07 -15.87
N ALA A 20 -9.55 -2.43 -15.27
CA ALA A 20 -8.36 -2.78 -16.04
C ALA A 20 -8.56 -4.06 -16.87
N CYS A 21 -9.21 -5.07 -16.31
CA CYS A 21 -9.55 -6.30 -17.06
C CYS A 21 -10.38 -6.00 -18.29
N LYS A 22 -11.46 -5.24 -18.11
CA LYS A 22 -12.37 -4.86 -19.18
C LYS A 22 -11.67 -4.11 -20.33
N GLU A 23 -10.81 -3.17 -19.99
CA GLU A 23 -9.99 -2.49 -20.99
C GLU A 23 -9.12 -3.46 -21.78
N LEU A 24 -8.61 -4.48 -21.09
CA LEU A 24 -7.76 -5.50 -21.73
C LEU A 24 -8.53 -6.67 -22.39
N GLY A 25 -9.85 -6.66 -22.34
CA GLY A 25 -10.67 -7.75 -22.91
C GLY A 25 -10.66 -9.04 -22.10
N ILE A 26 -10.34 -8.93 -20.81
CA ILE A 26 -10.25 -10.08 -19.91
C ILE A 26 -11.58 -10.31 -19.20
N LYS A 27 -12.00 -11.58 -19.17
CA LYS A 27 -13.21 -11.99 -18.48
C LYS A 27 -12.99 -11.91 -16.98
N THR A 28 -14.00 -11.43 -16.26
CA THR A 28 -13.89 -11.21 -14.82
C THR A 28 -14.74 -12.19 -14.01
N VAL A 29 -14.18 -12.63 -12.89
CA VAL A 29 -14.91 -13.37 -11.88
C VAL A 29 -14.79 -12.61 -10.57
N ALA A 30 -15.93 -12.27 -9.97
CA ALA A 30 -15.94 -11.62 -8.68
C ALA A 30 -16.24 -12.66 -7.59
N VAL A 31 -15.52 -12.53 -6.47
CA VAL A 31 -15.87 -13.28 -5.25
C VAL A 31 -16.35 -12.28 -4.21
N HIS A 32 -17.26 -12.72 -3.36
CA HIS A 32 -17.82 -11.84 -2.35
C HIS A 32 -18.38 -12.58 -1.14
N SER A 33 -18.37 -11.88 0.00
CA SER A 33 -18.99 -12.36 1.20
C SER A 33 -20.49 -12.17 1.09
N THR A 34 -21.22 -12.75 2.04
CA THR A 34 -22.67 -12.56 2.13
C THR A 34 -23.00 -11.10 2.45
N ALA A 35 -22.08 -10.41 3.12
CA ALA A 35 -22.28 -9.02 3.52
C ALA A 35 -22.00 -8.04 2.37
N ASP A 36 -21.27 -8.48 1.34
CA ASP A 36 -20.88 -7.63 0.20
C ASP A 36 -21.70 -7.87 -1.09
N ARG A 37 -22.91 -8.40 -0.96
CA ARG A 37 -23.74 -8.65 -2.15
C ARG A 37 -24.13 -7.38 -2.93
N GLU A 38 -24.10 -6.22 -2.28
CA GLU A 38 -24.40 -4.94 -2.91
C GLU A 38 -23.22 -4.28 -3.64
N LEU A 39 -22.03 -4.87 -3.57
CA LEU A 39 -20.81 -4.26 -4.12
C LEU A 39 -20.95 -3.90 -5.60
N MET A 40 -20.54 -2.67 -5.93
CA MET A 40 -20.73 -2.08 -7.25
C MET A 40 -20.21 -2.96 -8.40
N HIS A 41 -19.06 -3.58 -8.20
CA HIS A 41 -18.40 -4.34 -9.26
C HIS A 41 -19.06 -5.69 -9.53
N LEU A 42 -19.86 -6.21 -8.61
CA LEU A 42 -20.56 -7.48 -8.83
C LEU A 42 -21.45 -7.41 -10.07
N SER A 43 -22.18 -6.32 -10.23
CA SER A 43 -23.05 -6.11 -11.40
C SER A 43 -22.28 -5.86 -12.71
N LEU A 44 -21.04 -5.37 -12.60
CA LEU A 44 -20.20 -5.17 -13.78
C LEU A 44 -19.36 -6.39 -14.12
N ALA A 45 -19.33 -7.38 -13.24
CA ALA A 45 -18.52 -8.59 -13.42
C ALA A 45 -19.24 -9.61 -14.30
N ASP A 46 -18.46 -10.42 -15.02
CA ASP A 46 -19.03 -11.45 -15.89
C ASP A 46 -19.57 -12.61 -15.06
N GLU A 47 -18.80 -13.04 -14.06
CA GLU A 47 -19.27 -14.04 -13.09
C GLU A 47 -19.06 -13.56 -11.65
N SER A 48 -19.91 -14.07 -10.75
CA SER A 48 -19.88 -13.69 -9.33
C SER A 48 -20.09 -14.94 -8.45
N VAL A 49 -19.26 -15.10 -7.42
CA VAL A 49 -19.34 -16.26 -6.53
C VAL A 49 -19.29 -15.84 -5.07
N CYS A 50 -20.32 -16.20 -4.32
CA CYS A 50 -20.31 -15.99 -2.87
C CYS A 50 -19.41 -17.05 -2.22
N ILE A 51 -18.42 -16.61 -1.44
CA ILE A 51 -17.39 -17.51 -0.94
C ILE A 51 -17.35 -17.66 0.58
N GLY A 52 -18.36 -17.16 1.28
CA GLY A 52 -18.43 -17.29 2.73
C GLY A 52 -19.28 -16.23 3.40
N PRO A 53 -19.48 -16.35 4.73
CA PRO A 53 -20.26 -15.37 5.50
C PRO A 53 -19.57 -14.02 5.64
N ALA A 54 -20.15 -13.11 6.42
CA ALA A 54 -19.62 -11.74 6.58
C ALA A 54 -18.16 -11.63 7.04
N PRO A 55 -17.76 -12.38 8.10
CA PRO A 55 -16.40 -12.18 8.63
C PRO A 55 -15.33 -12.49 7.59
N ALA A 56 -14.30 -11.64 7.53
CA ALA A 56 -13.25 -11.81 6.51
C ALA A 56 -12.53 -13.15 6.62
N THR A 57 -12.24 -13.57 7.85
CA THR A 57 -11.57 -14.85 8.12
C THR A 57 -12.31 -16.06 7.55
N GLN A 58 -13.62 -15.90 7.35
CA GLN A 58 -14.50 -16.97 6.87
C GLN A 58 -14.91 -16.77 5.42
N SER A 59 -14.35 -15.74 4.77
CA SER A 59 -14.62 -15.47 3.35
C SER A 59 -13.34 -15.13 2.58
N TYR A 60 -12.94 -13.86 2.64
CA TYR A 60 -11.86 -13.31 1.80
C TYR A 60 -10.47 -13.84 2.15
N LEU A 61 -10.30 -14.30 3.37
CA LEU A 61 -9.04 -14.90 3.80
C LEU A 61 -9.12 -16.43 3.73
N GLN A 62 -10.20 -16.94 3.15
CA GLN A 62 -10.46 -18.37 3.11
C GLN A 62 -9.93 -18.93 1.80
N ILE A 63 -8.68 -19.37 1.81
CA ILE A 63 -7.97 -19.80 0.60
C ILE A 63 -8.69 -20.91 -0.18
N PRO A 64 -9.18 -21.95 0.54
CA PRO A 64 -9.91 -23.02 -0.15
C PRO A 64 -11.12 -22.53 -0.94
N ALA A 65 -11.83 -21.55 -0.40
CA ALA A 65 -13.04 -21.03 -1.03
C ALA A 65 -12.72 -20.28 -2.32
N ILE A 66 -11.65 -19.50 -2.29
CA ILE A 66 -11.21 -18.73 -3.44
C ILE A 66 -10.71 -19.64 -4.56
N ILE A 67 -9.99 -20.70 -4.22
CA ILE A 67 -9.48 -21.63 -5.22
C ILE A 67 -10.61 -22.43 -5.89
N ALA A 68 -11.66 -22.71 -5.13
CA ALA A 68 -12.82 -23.45 -5.64
C ALA A 68 -13.67 -22.57 -6.56
N ALA A 69 -13.67 -21.26 -6.31
CA ALA A 69 -14.34 -20.31 -7.19
C ALA A 69 -13.67 -20.28 -8.55
N ALA A 70 -12.33 -20.31 -8.55
CA ALA A 70 -11.57 -20.34 -9.80
C ALA A 70 -11.87 -21.64 -10.57
N GLU A 71 -11.85 -22.77 -9.87
CA GLU A 71 -12.06 -24.08 -10.52
C GLU A 71 -13.42 -24.20 -11.19
N VAL A 72 -14.48 -23.76 -10.50
CA VAL A 72 -15.85 -23.84 -11.07
C VAL A 72 -16.07 -22.83 -12.20
N THR A 73 -15.50 -21.64 -12.06
CA THR A 73 -15.71 -20.58 -13.05
C THR A 73 -14.75 -20.64 -14.23
N GLY A 74 -13.71 -21.46 -14.12
CA GLY A 74 -12.71 -21.60 -15.18
C GLY A 74 -11.83 -20.37 -15.32
N ALA A 75 -11.57 -19.69 -14.20
CA ALA A 75 -10.59 -18.62 -14.17
C ALA A 75 -9.23 -19.21 -14.45
N THR A 76 -8.41 -18.48 -15.21
CA THR A 76 -7.05 -18.91 -15.52
C THR A 76 -6.04 -18.20 -14.63
N ALA A 77 -6.45 -17.07 -14.04
CA ALA A 77 -5.59 -16.27 -13.18
C ALA A 77 -6.35 -15.59 -12.04
N ILE A 78 -5.60 -15.14 -11.04
CA ILE A 78 -6.15 -14.55 -9.81
C ILE A 78 -5.39 -13.26 -9.45
N HIS A 79 -6.11 -12.16 -9.33
CA HIS A 79 -5.53 -10.92 -8.86
C HIS A 79 -5.93 -10.75 -7.40
N PRO A 80 -4.95 -10.62 -6.50
CA PRO A 80 -5.25 -10.56 -5.07
C PRO A 80 -5.57 -9.17 -4.52
N GLY A 81 -5.32 -8.13 -5.32
CA GLY A 81 -5.46 -6.75 -4.91
C GLY A 81 -4.39 -6.41 -3.90
N TYR A 82 -4.75 -5.58 -2.91
CA TYR A 82 -3.90 -5.33 -1.75
C TYR A 82 -4.61 -5.81 -0.48
N GLY A 83 -3.84 -6.16 0.54
CA GLY A 83 -4.40 -6.74 1.74
C GLY A 83 -4.97 -8.11 1.45
N PHE A 84 -5.74 -8.64 2.40
CA PHE A 84 -6.14 -10.05 2.43
C PHE A 84 -4.97 -10.99 2.12
N LEU A 85 -5.01 -11.67 0.98
CA LEU A 85 -4.02 -12.70 0.67
C LEU A 85 -2.96 -12.22 -0.34
N ALA A 86 -2.85 -10.90 -0.52
CA ALA A 86 -1.95 -10.32 -1.51
C ALA A 86 -0.49 -10.66 -1.28
N GLU A 87 -0.10 -10.75 0.00
CA GLU A 87 1.25 -11.10 0.36
C GLU A 87 1.23 -12.31 1.29
N ASN A 88 0.30 -13.22 1.04
CA ASN A 88 0.26 -14.51 1.70
C ASN A 88 0.90 -15.51 0.74
N ALA A 89 2.09 -15.97 1.09
CA ALA A 89 2.88 -16.82 0.20
C ALA A 89 2.29 -18.22 0.01
N ASP A 90 1.57 -18.71 1.01
CA ASP A 90 0.87 -20.00 0.89
C ASP A 90 -0.23 -19.90 -0.15
N PHE A 91 -0.95 -18.78 -0.17
CA PHE A 91 -1.98 -18.51 -1.17
C PHE A 91 -1.38 -18.61 -2.57
N ALA A 92 -0.33 -17.81 -2.82
CA ALA A 92 0.37 -17.80 -4.10
C ALA A 92 0.81 -19.21 -4.52
N GLU A 93 1.54 -19.86 -3.62
CA GLU A 93 2.04 -21.21 -3.85
C GLU A 93 0.89 -22.21 -4.09
N GLN A 94 -0.19 -22.10 -3.31
CA GLN A 94 -1.37 -22.97 -3.49
C GLN A 94 -2.02 -22.78 -4.86
N ILE A 95 -2.24 -21.53 -5.29
CA ILE A 95 -2.94 -21.29 -6.56
C ILE A 95 -2.11 -21.81 -7.75
N GLU A 96 -0.79 -21.60 -7.70
CA GLU A 96 0.12 -22.10 -8.74
C GLU A 96 0.21 -23.64 -8.73
N ARG A 97 0.12 -24.24 -7.55
CA ARG A 97 0.02 -25.70 -7.44
C ARG A 97 -1.26 -26.23 -8.09
N SER A 98 -2.32 -25.42 -8.10
CA SER A 98 -3.59 -25.79 -8.73
C SER A 98 -3.64 -25.41 -10.22
N GLY A 99 -2.55 -24.81 -10.71
CA GLY A 99 -2.38 -24.53 -12.12
C GLY A 99 -2.94 -23.19 -12.58
N PHE A 100 -3.19 -22.29 -11.65
CA PHE A 100 -3.63 -20.94 -11.99
C PHE A 100 -2.45 -20.00 -12.02
N THR A 101 -2.63 -18.84 -12.64
CA THR A 101 -1.63 -17.78 -12.64
C THR A 101 -1.92 -16.79 -11.51
N PHE A 102 -0.87 -16.37 -10.83
CA PHE A 102 -0.95 -15.37 -9.78
C PHE A 102 -0.52 -14.05 -10.39
N VAL A 103 -1.35 -13.01 -10.22
CA VAL A 103 -1.01 -11.68 -10.69
C VAL A 103 -0.22 -11.03 -9.58
N GLY A 104 1.05 -11.40 -9.52
CA GLY A 104 1.99 -10.87 -8.54
C GLY A 104 3.31 -11.60 -8.63
N PRO A 105 4.22 -11.32 -7.69
CA PRO A 105 5.52 -11.98 -7.70
C PRO A 105 5.46 -13.46 -7.30
N THR A 106 6.57 -14.15 -7.46
CA THR A 106 6.69 -15.55 -7.03
C THR A 106 6.50 -15.65 -5.52
N ALA A 107 5.98 -16.78 -5.07
CA ALA A 107 5.78 -17.05 -3.65
C ALA A 107 7.04 -16.83 -2.82
N GLU A 108 8.18 -17.27 -3.32
CA GLU A 108 9.46 -17.09 -2.62
C GLU A 108 9.82 -15.62 -2.43
N VAL A 109 9.58 -14.81 -3.46
CA VAL A 109 9.84 -13.37 -3.39
C VAL A 109 8.92 -12.73 -2.35
N ILE A 110 7.67 -13.17 -2.29
CA ILE A 110 6.74 -12.70 -1.25
C ILE A 110 7.27 -13.02 0.17
N ARG A 111 7.88 -14.19 0.35
CA ARG A 111 8.46 -14.61 1.62
C ARG A 111 9.74 -13.85 1.94
N LEU A 112 10.61 -13.74 0.93
CA LEU A 112 11.86 -12.96 1.07
C LEU A 112 11.60 -11.55 1.59
N MET A 113 10.65 -10.85 0.94
CA MET A 113 10.32 -9.48 1.30
C MET A 113 9.31 -9.39 2.43
N GLY A 114 8.49 -10.42 2.62
CA GLY A 114 7.49 -10.44 3.69
C GLY A 114 8.08 -10.53 5.09
N ASP A 115 9.20 -11.24 5.22
CA ASP A 115 10.01 -11.23 6.44
C ASP A 115 10.89 -10.01 6.33
N LYS A 116 10.62 -9.03 7.18
CA LYS A 116 11.25 -7.72 7.05
C LYS A 116 12.72 -7.69 7.45
N VAL A 117 13.16 -8.71 8.16
CA VAL A 117 14.58 -8.87 8.49
C VAL A 117 15.38 -9.38 7.28
N SER A 118 14.86 -10.34 6.53
CA SER A 118 15.59 -10.83 5.36
C SER A 118 15.48 -9.86 4.18
N ALA A 119 14.37 -9.12 4.11
CA ALA A 119 14.21 -8.07 3.10
C ALA A 119 15.31 -7.00 3.20
N LYS A 120 15.51 -6.50 4.42
CA LYS A 120 16.54 -5.49 4.71
C LYS A 120 17.91 -6.03 4.26
N ASP A 121 18.17 -7.28 4.61
CA ASP A 121 19.43 -7.96 4.28
C ASP A 121 19.64 -8.14 2.77
N ALA A 122 18.56 -8.42 2.04
CA ALA A 122 18.60 -8.57 0.59
C ALA A 122 18.91 -7.24 -0.09
N MET A 123 18.40 -6.16 0.50
CA MET A 123 18.61 -4.81 0.01
C MET A 123 20.04 -4.32 0.24
N LYS A 124 20.66 -4.76 1.33
CA LYS A 124 22.07 -4.45 1.60
C LYS A 124 22.96 -5.10 0.54
N ARG A 125 22.65 -6.33 0.17
CA ARG A 125 23.41 -7.05 -0.87
C ARG A 125 23.24 -6.41 -2.24
N ALA A 126 22.05 -5.85 -2.48
CA ALA A 126 21.78 -5.11 -3.70
C ALA A 126 22.36 -3.69 -3.67
N GLY A 127 23.01 -3.31 -2.58
CA GLY A 127 23.58 -1.98 -2.46
C GLY A 127 22.55 -0.88 -2.34
N VAL A 128 21.38 -1.23 -1.80
CA VAL A 128 20.32 -0.26 -1.49
C VAL A 128 20.48 0.16 -0.02
N PRO A 129 20.51 1.48 0.23
CA PRO A 129 20.79 1.93 1.61
C PRO A 129 19.64 1.58 2.57
N THR A 130 20.01 1.31 3.81
CA THR A 130 19.09 0.78 4.81
C THR A 130 19.14 1.63 6.09
N VAL A 131 18.03 1.63 6.85
CA VAL A 131 17.99 2.29 8.15
C VAL A 131 18.92 1.56 9.12
N PRO A 132 19.87 2.30 9.73
CA PRO A 132 20.79 1.75 10.72
C PRO A 132 20.07 0.96 11.81
N GLY A 133 20.62 -0.19 12.19
CA GLY A 133 19.98 -1.00 13.23
C GLY A 133 20.70 -2.30 13.52
N SER A 134 19.94 -3.28 14.02
CA SER A 134 20.49 -4.59 14.26
C SER A 134 20.75 -5.27 12.92
N ASP A 135 21.87 -5.95 12.83
CA ASP A 135 22.23 -6.68 11.62
C ASP A 135 21.58 -8.04 11.72
N GLY A 136 20.30 -8.10 11.36
CA GLY A 136 19.47 -9.27 11.66
C GLY A 136 18.51 -8.98 12.80
N PRO A 137 18.05 -10.01 13.49
CA PRO A 137 17.17 -9.80 14.65
C PRO A 137 17.86 -9.23 15.88
N LEU A 138 17.05 -8.73 16.80
CA LEU A 138 17.51 -8.32 18.12
C LEU A 138 17.40 -9.55 19.02
N PRO A 139 18.52 -10.00 19.61
CA PRO A 139 18.42 -11.20 20.42
C PRO A 139 17.82 -10.96 21.80
N GLU A 140 17.22 -12.02 22.35
CA GLU A 140 16.66 -12.00 23.70
C GLU A 140 17.74 -11.82 24.74
N ASP A 141 18.93 -12.41 24.50
CA ASP A 141 20.07 -12.21 25.37
C ASP A 141 20.20 -10.73 25.72
N GLU A 142 20.15 -10.43 27.02
CA GLU A 142 20.16 -9.06 27.52
C GLU A 142 21.44 -8.30 27.17
N GLU A 143 22.59 -8.93 27.40
CA GLU A 143 23.89 -8.32 27.11
C GLU A 143 24.03 -7.92 25.64
N THR A 144 23.64 -8.82 24.76
CA THR A 144 23.79 -8.61 23.33
C THR A 144 22.81 -7.56 22.81
N ALA A 145 21.55 -7.67 23.22
CA ALA A 145 20.51 -6.68 22.87
C ALA A 145 20.91 -5.26 23.25
N LEU A 146 21.36 -5.12 24.50
CA LEU A 146 21.78 -3.82 25.04
C LEU A 146 22.99 -3.22 24.33
N ALA A 147 23.93 -4.06 23.95
CA ALA A 147 25.12 -3.61 23.23
C ALA A 147 24.76 -3.14 21.83
N ILE A 148 23.92 -3.91 21.13
CA ILE A 148 23.41 -3.51 19.80
C ILE A 148 22.70 -2.15 19.82
N ALA A 149 21.79 -1.97 20.77
CA ALA A 149 21.05 -0.72 20.92
C ALA A 149 21.96 0.46 21.13
N ARG A 150 22.96 0.27 21.97
CA ARG A 150 23.94 1.28 22.31
C ARG A 150 24.74 1.73 21.09
N GLU A 151 25.04 0.76 20.22
CA GLU A 151 25.85 1.02 19.03
C GLU A 151 25.07 1.78 17.98
N VAL A 152 23.78 1.45 17.88
CA VAL A 152 22.89 2.15 16.97
C VAL A 152 22.69 3.57 17.48
N GLY A 153 22.37 3.69 18.76
CA GLY A 153 22.12 4.99 19.40
C GLY A 153 20.64 5.22 19.62
N TYR A 154 20.30 5.71 20.81
CA TYR A 154 18.92 5.96 21.18
C TYR A 154 18.49 7.36 20.70
N PRO A 155 17.20 7.53 20.38
CA PRO A 155 16.14 6.52 20.50
C PRO A 155 16.14 5.48 19.38
N VAL A 156 15.69 4.28 19.73
CA VAL A 156 15.56 3.18 18.80
C VAL A 156 14.08 2.80 18.70
N ILE A 157 13.77 1.97 17.71
CA ILE A 157 12.44 1.43 17.54
C ILE A 157 12.55 -0.08 17.41
N ILE A 158 11.71 -0.80 18.15
CA ILE A 158 11.63 -2.26 18.02
C ILE A 158 10.54 -2.52 16.99
N LYS A 159 10.81 -3.40 16.03
CA LYS A 159 9.89 -3.67 14.93
C LYS A 159 9.72 -5.17 14.72
N ALA A 160 8.47 -5.60 14.54
CA ALA A 160 8.19 -7.00 14.20
C ALA A 160 8.66 -7.35 12.80
N ALA A 161 9.43 -8.44 12.69
CA ALA A 161 9.88 -8.99 11.40
C ALA A 161 8.70 -9.35 10.47
N GLY A 162 7.67 -9.98 11.03
CA GLY A 162 6.48 -10.31 10.26
C GLY A 162 5.38 -9.25 10.31
N GLY A 163 5.75 -8.02 10.63
CA GLY A 163 4.79 -6.94 10.87
C GLY A 163 4.12 -6.39 9.63
N GLY A 164 2.96 -5.77 9.85
CA GLY A 164 2.18 -5.14 8.80
C GLY A 164 1.15 -4.18 9.37
N GLY A 165 0.48 -3.46 8.47
CA GLY A 165 -0.53 -2.46 8.85
C GLY A 165 -0.09 -1.49 9.93
N GLY A 166 1.22 -1.24 10.02
CA GLY A 166 1.79 -0.31 11.01
C GLY A 166 1.79 -0.79 12.45
N ARG A 167 1.51 -2.08 12.67
CA ARG A 167 1.41 -2.63 14.02
C ARG A 167 2.66 -3.40 14.39
N GLY A 168 2.79 -3.70 15.68
CA GLY A 168 3.95 -4.43 16.19
C GLY A 168 5.25 -3.62 16.17
N MET A 169 5.17 -2.36 16.60
CA MET A 169 6.35 -1.52 16.76
C MET A 169 6.33 -0.84 18.12
N ARG A 170 7.51 -0.57 18.67
CA ARG A 170 7.65 0.12 19.94
C ARG A 170 8.94 0.92 19.99
N VAL A 171 8.82 2.17 20.43
CA VAL A 171 9.96 3.09 20.46
C VAL A 171 10.51 3.14 21.88
N VAL A 172 11.85 3.09 21.96
CA VAL A 172 12.51 3.11 23.25
C VAL A 172 13.45 4.32 23.29
N TYR A 173 13.24 5.20 24.26
CA TYR A 173 14.03 6.43 24.39
C TYR A 173 15.24 6.31 25.31
N ASP A 174 15.17 5.41 26.30
CA ASP A 174 16.37 5.09 27.07
C ASP A 174 16.54 3.60 27.38
N GLU A 175 17.80 3.21 27.50
CA GLU A 175 18.22 1.81 27.66
C GLU A 175 17.55 1.01 28.78
N SER A 176 17.06 1.68 29.83
CA SER A 176 16.44 1.02 30.99
C SER A 176 15.13 0.29 30.65
N GLU A 177 14.52 0.61 29.50
CA GLU A 177 13.26 -0.01 29.07
C GLU A 177 13.42 -0.97 27.88
N LEU A 178 14.61 -1.04 27.28
CA LEU A 178 14.81 -1.80 26.05
C LEU A 178 14.35 -3.25 26.15
N ILE A 179 14.83 -3.93 27.19
CA ILE A 179 14.63 -5.36 27.34
C ILE A 179 13.16 -5.71 27.54
N LYS A 180 12.50 -4.96 28.42
CA LYS A 180 11.09 -5.20 28.73
C LYS A 180 10.20 -4.78 27.55
N SER A 181 10.60 -3.72 26.85
CA SER A 181 9.88 -3.27 25.67
C SER A 181 10.00 -4.29 24.53
N ALA A 182 11.19 -4.86 24.37
CA ALA A 182 11.42 -5.91 23.38
C ALA A 182 10.62 -7.16 23.75
N LYS A 183 10.68 -7.55 25.03
CA LYS A 183 9.93 -8.70 25.53
C LYS A 183 8.45 -8.59 25.15
N LEU A 184 7.89 -7.40 25.36
CA LEU A 184 6.49 -7.13 25.10
C LEU A 184 6.14 -7.17 23.62
N THR A 185 7.04 -6.64 22.79
CA THR A 185 6.82 -6.54 21.34
C THR A 185 6.85 -7.93 20.68
N ARG A 186 7.77 -8.79 21.13
CA ARG A 186 7.84 -10.17 20.66
C ARG A 186 6.56 -10.94 20.97
N THR A 187 6.05 -10.78 22.18
CA THR A 187 4.79 -11.42 22.58
C THR A 187 3.66 -10.95 21.66
N GLU A 188 3.54 -9.64 21.49
CA GLU A 188 2.52 -9.04 20.62
C GLU A 188 2.70 -9.41 19.14
N ALA A 189 3.96 -9.55 18.71
CA ALA A 189 4.26 -10.02 17.37
C ALA A 189 3.87 -11.49 17.18
N GLY A 190 3.99 -12.28 18.25
CA GLY A 190 3.64 -13.70 18.23
C GLY A 190 2.18 -13.95 17.92
N ALA A 191 1.28 -13.19 18.53
CA ALA A 191 -0.15 -13.39 18.36
C ALA A 191 -0.65 -12.81 17.03
N ALA A 192 -0.27 -11.57 16.77
CA ALA A 192 -0.74 -10.83 15.59
C ALA A 192 -0.19 -11.35 14.26
N PHE A 193 1.05 -11.84 14.26
CA PHE A 193 1.70 -12.30 13.03
C PHE A 193 2.18 -13.75 13.06
N GLY A 194 2.11 -14.42 14.20
CA GLY A 194 2.61 -15.81 14.29
C GLY A 194 4.12 -15.95 14.21
N ASN A 195 4.82 -14.83 14.30
CA ASN A 195 6.29 -14.81 14.33
C ASN A 195 6.69 -13.82 15.42
N PRO A 196 7.33 -14.32 16.49
CA PRO A 196 7.71 -13.44 17.61
C PRO A 196 8.98 -12.61 17.37
N MET A 197 9.67 -12.83 16.25
CA MET A 197 10.93 -12.14 15.97
C MET A 197 10.72 -10.62 15.81
N VAL A 198 11.61 -9.88 16.45
CA VAL A 198 11.68 -8.44 16.27
C VAL A 198 13.11 -8.04 15.92
N TYR A 199 13.24 -6.89 15.26
CA TYR A 199 14.53 -6.29 14.97
C TYR A 199 14.57 -4.85 15.47
N LEU A 200 15.77 -4.27 15.46
CA LEU A 200 15.98 -2.93 16.01
C LEU A 200 16.41 -1.98 14.90
N GLU A 201 15.79 -0.81 14.85
CA GLU A 201 16.26 0.26 13.98
C GLU A 201 16.43 1.54 14.79
N LYS A 202 17.26 2.44 14.29
CA LYS A 202 17.30 3.82 14.80
C LYS A 202 15.90 4.43 14.60
N PHE A 203 15.37 5.10 15.62
CA PHE A 203 14.11 5.80 15.50
C PHE A 203 14.41 7.15 14.86
N LEU A 204 14.03 7.30 13.59
CA LEU A 204 14.25 8.56 12.89
C LEU A 204 13.19 9.59 13.29
N THR A 205 13.65 10.77 13.71
CA THR A 205 12.77 11.81 14.26
C THR A 205 12.26 12.86 13.25
N ASN A 206 12.91 12.96 12.09
CA ASN A 206 12.44 13.91 11.07
C ASN A 206 12.38 13.36 9.63
N PRO A 207 11.94 12.10 9.46
CA PRO A 207 11.90 11.53 8.12
C PRO A 207 10.57 11.72 7.37
N ARG A 208 10.62 11.52 6.06
CA ARG A 208 9.47 11.50 5.21
C ARG A 208 9.34 10.10 4.63
N HIS A 209 8.11 9.62 4.49
CA HIS A 209 7.86 8.33 3.88
C HIS A 209 7.85 8.51 2.39
N VAL A 210 8.99 8.20 1.75
CA VAL A 210 9.12 8.25 0.29
C VAL A 210 9.31 6.84 -0.25
N GLU A 211 8.64 6.52 -1.34
CA GLU A 211 8.67 5.17 -1.87
C GLU A 211 8.73 5.16 -3.39
N VAL A 212 9.32 4.10 -3.91
CA VAL A 212 9.58 4.00 -5.32
C VAL A 212 8.63 2.93 -5.91
N GLN A 213 7.86 3.34 -6.91
CA GLN A 213 7.01 2.40 -7.63
C GLN A 213 7.83 1.76 -8.73
N VAL A 214 7.86 0.43 -8.73
CA VAL A 214 8.46 -0.35 -9.83
C VAL A 214 7.43 -1.26 -10.52
N LEU A 215 7.78 -1.65 -11.74
CA LEU A 215 7.12 -2.72 -12.47
C LEU A 215 8.26 -3.57 -13.02
N SER A 216 8.13 -4.89 -12.94
CA SER A 216 9.14 -5.82 -13.41
C SER A 216 8.47 -7.02 -14.10
N ASP A 217 8.99 -7.47 -15.24
CA ASP A 217 8.28 -8.48 -16.03
C ASP A 217 8.69 -9.93 -15.74
N GLY A 218 9.75 -10.09 -14.94
CA GLY A 218 10.26 -11.41 -14.60
C GLY A 218 11.00 -12.08 -15.76
N GLN A 219 11.30 -11.31 -16.80
CA GLN A 219 12.07 -11.77 -17.95
C GLN A 219 13.34 -10.92 -18.16
N GLY A 220 13.69 -10.12 -17.13
CA GLY A 220 14.93 -9.32 -17.12
C GLY A 220 14.73 -7.82 -17.17
N ASN A 221 13.48 -7.37 -17.26
CA ASN A 221 13.19 -5.95 -17.45
C ASN A 221 12.41 -5.40 -16.29
N ALA A 222 12.83 -4.21 -15.85
CA ALA A 222 12.20 -3.50 -14.78
C ALA A 222 12.33 -1.99 -15.02
N ILE A 223 11.30 -1.24 -14.62
CA ILE A 223 11.30 0.20 -14.70
C ILE A 223 10.76 0.78 -13.40
N HIS A 224 11.02 2.05 -13.17
CA HIS A 224 10.36 2.77 -12.08
C HIS A 224 9.35 3.74 -12.67
N LEU A 225 8.36 4.08 -11.86
CA LEU A 225 7.37 5.09 -12.22
C LEU A 225 7.44 6.21 -11.19
N GLY A 226 8.67 6.61 -10.88
CA GLY A 226 8.93 7.71 -9.96
C GLY A 226 8.72 7.31 -8.51
N ASP A 227 8.54 8.32 -7.67
CA ASP A 227 8.28 8.10 -6.26
C ASP A 227 6.99 8.78 -5.76
N ARG A 228 6.66 8.49 -4.51
CA ARG A 228 5.48 9.02 -3.83
C ARG A 228 5.90 9.46 -2.43
N ASP A 229 5.26 10.53 -1.94
CA ASP A 229 5.39 10.90 -0.54
C ASP A 229 4.09 10.56 0.18
N CYS A 230 4.19 9.76 1.25
CA CYS A 230 3.03 9.30 2.02
C CYS A 230 3.21 9.57 3.51
N SER A 231 3.68 10.76 3.83
CA SER A 231 4.12 11.11 5.19
C SER A 231 2.98 11.40 6.14
N LEU A 232 1.87 11.94 5.64
CA LEU A 232 0.71 12.19 6.50
C LEU A 232 0.09 10.86 6.93
N GLN A 233 0.34 10.51 8.20
CA GLN A 233 -0.05 9.22 8.76
C GLN A 233 -0.60 9.37 10.16
N ARG A 234 -1.58 8.53 10.49
CA ARG A 234 -2.11 8.39 11.85
C ARG A 234 -2.07 6.92 12.26
N ARG A 235 -1.32 6.62 13.32
CA ARG A 235 -1.00 5.24 13.73
C ARG A 235 -0.21 4.47 12.66
N HIS A 236 0.72 5.16 11.98
CA HIS A 236 1.52 4.58 10.87
C HIS A 236 0.68 4.15 9.65
N GLN A 237 -0.51 4.74 9.55
CA GLN A 237 -1.50 4.40 8.56
C GLN A 237 -1.61 5.63 7.67
N LYS A 238 -1.45 5.46 6.35
CA LYS A 238 -1.37 6.62 5.46
C LYS A 238 -2.76 7.22 5.22
N VAL A 239 -2.81 8.54 5.12
CA VAL A 239 -4.07 9.31 5.00
C VAL A 239 -4.16 10.11 3.67
N ILE A 240 -3.05 10.78 3.35
CA ILE A 240 -2.87 11.47 2.08
C ILE A 240 -1.54 11.02 1.48
N GLU A 241 -1.50 10.86 0.16
CA GLU A 241 -0.27 10.62 -0.57
C GLU A 241 -0.15 11.57 -1.75
N GLU A 242 1.08 11.73 -2.25
CA GLU A 242 1.31 12.62 -3.39
C GLU A 242 2.50 12.14 -4.21
N ALA A 243 2.52 12.53 -5.48
CA ALA A 243 3.60 12.18 -6.41
C ALA A 243 3.83 13.32 -7.39
N PRO A 244 5.10 13.56 -7.76
CA PRO A 244 6.27 12.96 -7.13
C PRO A 244 6.44 13.56 -5.73
N ALA A 245 7.37 13.01 -4.94
CA ALA A 245 7.69 13.63 -3.65
C ALA A 245 8.39 14.98 -3.88
N PRO A 246 7.84 16.07 -3.34
CA PRO A 246 8.48 17.39 -3.54
C PRO A 246 9.75 17.60 -2.73
N GLY A 247 10.61 18.50 -3.20
CA GLY A 247 11.80 18.94 -2.45
C GLY A 247 12.77 17.83 -2.06
N ILE A 248 13.04 16.93 -3.01
CA ILE A 248 13.98 15.83 -2.81
C ILE A 248 15.32 16.14 -3.51
N ASP A 249 16.43 15.75 -2.88
CA ASP A 249 17.72 15.85 -3.53
C ASP A 249 17.66 14.99 -4.80
N GLU A 250 17.88 15.62 -5.95
CA GLU A 250 17.70 14.92 -7.22
C GLU A 250 18.70 13.79 -7.44
N LYS A 251 19.89 13.95 -6.89
CA LYS A 251 20.95 12.98 -7.07
C LYS A 251 20.67 11.75 -6.22
N ALA A 252 20.23 12.01 -4.97
CA ALA A 252 19.86 10.96 -4.03
C ALA A 252 18.73 10.10 -4.58
N ARG A 253 17.71 10.76 -5.12
CA ARG A 253 16.55 10.09 -5.72
C ARG A 253 16.95 9.29 -6.96
N GLN A 254 17.61 9.97 -7.87
CA GLN A 254 18.05 9.35 -9.11
C GLN A 254 18.95 8.13 -8.85
N GLU A 255 19.75 8.20 -7.79
CA GLU A 255 20.57 7.08 -7.35
C GLU A 255 19.70 5.93 -6.80
N VAL A 256 18.67 6.26 -6.03
CA VAL A 256 17.84 5.24 -5.41
C VAL A 256 16.95 4.54 -6.44
N PHE A 257 16.49 5.28 -7.44
CA PHE A 257 15.77 4.69 -8.58
C PHE A 257 16.60 3.57 -9.22
N ALA A 258 17.82 3.88 -9.62
CA ALA A 258 18.71 2.88 -10.24
C ALA A 258 18.89 1.64 -9.38
N ARG A 259 19.13 1.84 -8.09
CA ARG A 259 19.33 0.75 -7.14
C ARG A 259 18.11 -0.17 -7.06
N CYS A 260 16.93 0.42 -6.93
CA CYS A 260 15.66 -0.32 -6.84
C CYS A 260 15.36 -1.16 -8.09
N VAL A 261 15.53 -0.55 -9.27
CA VAL A 261 15.27 -1.23 -10.54
C VAL A 261 16.24 -2.39 -10.73
N GLN A 262 17.50 -2.15 -10.39
CA GLN A 262 18.56 -3.15 -10.43
C GLN A 262 18.32 -4.32 -9.45
N ALA A 263 17.72 -4.01 -8.31
CA ALA A 263 17.34 -5.03 -7.33
C ALA A 263 16.23 -5.95 -7.86
N CYS A 264 15.21 -5.37 -8.48
CA CYS A 264 14.14 -6.15 -9.17
C CYS A 264 14.69 -7.21 -10.08
N ILE A 265 15.69 -6.82 -10.86
CA ILE A 265 16.30 -7.70 -11.84
C ILE A 265 17.15 -8.78 -11.15
N GLU A 266 17.86 -8.39 -10.08
CA GLU A 266 18.62 -9.34 -9.24
C GLU A 266 17.74 -10.42 -8.62
N ILE A 267 16.75 -9.97 -7.83
CA ILE A 267 15.94 -10.86 -7.00
C ILE A 267 14.87 -11.58 -7.81
N GLY A 268 14.65 -11.13 -9.04
CA GLY A 268 13.74 -11.80 -9.95
C GLY A 268 12.31 -11.38 -9.72
N TYR A 269 12.11 -10.09 -9.47
CA TYR A 269 10.79 -9.58 -9.17
C TYR A 269 9.88 -9.60 -10.40
N ARG A 270 8.64 -10.03 -10.19
CA ARG A 270 7.64 -10.05 -11.25
C ARG A 270 6.37 -9.37 -10.78
N GLY A 271 5.91 -8.36 -11.50
CA GLY A 271 4.69 -7.63 -11.18
C GLY A 271 4.96 -6.21 -10.73
N ALA A 272 3.97 -5.60 -10.10
CA ALA A 272 4.10 -4.31 -9.44
C ALA A 272 4.67 -4.45 -8.02
N GLY A 273 5.60 -3.57 -7.67
CA GLY A 273 6.13 -3.52 -6.31
C GLY A 273 6.52 -2.11 -5.91
N THR A 274 6.69 -1.93 -4.60
CA THR A 274 7.00 -0.63 -4.02
C THR A 274 8.13 -0.82 -3.00
N PHE A 275 9.22 -0.09 -3.16
CA PHE A 275 10.26 -0.04 -2.15
C PHE A 275 9.91 1.13 -1.24
N GLU A 276 9.68 0.86 0.04
CA GLU A 276 9.38 1.90 1.02
C GLU A 276 10.66 2.39 1.70
N PHE A 277 10.84 3.70 1.71
CA PHE A 277 12.03 4.37 2.24
C PHE A 277 11.63 5.39 3.28
N LEU A 278 12.54 5.62 4.22
CA LEU A 278 12.51 6.82 5.03
C LEU A 278 13.62 7.73 4.49
N TYR A 279 13.25 8.97 4.21
CA TYR A 279 14.14 9.99 3.64
C TYR A 279 14.40 11.04 4.71
N GLU A 280 15.67 11.22 5.06
CA GLU A 280 16.06 12.23 6.04
C GLU A 280 17.39 12.89 5.64
N ASN A 281 17.46 14.21 5.77
N ASN A 281 17.42 14.21 5.80
CA ASN A 281 18.65 14.99 5.44
CA ASN A 281 18.56 15.08 5.40
C ASN A 281 19.29 14.61 4.10
C ASN A 281 19.26 14.62 4.12
N GLY A 282 18.48 14.58 3.04
CA GLY A 282 18.98 14.27 1.69
C GLY A 282 19.35 12.82 1.42
N ARG A 283 18.94 11.90 2.28
CA ARG A 283 19.34 10.50 2.14
C ARG A 283 18.20 9.51 2.37
N PHE A 284 18.14 8.50 1.50
CA PHE A 284 17.16 7.43 1.57
C PHE A 284 17.63 6.25 2.45
N TYR A 285 16.67 5.65 3.17
CA TYR A 285 16.93 4.48 3.98
C TYR A 285 15.76 3.51 3.86
N PHE A 286 16.02 2.36 3.25
CA PHE A 286 15.00 1.33 3.03
C PHE A 286 14.43 0.82 4.34
N ILE A 287 13.09 0.69 4.40
CA ILE A 287 12.39 0.03 5.53
C ILE A 287 11.66 -1.24 5.09
N GLU A 288 11.01 -1.24 3.93
CA GLU A 288 10.36 -2.44 3.43
C GLU A 288 9.92 -2.35 1.98
N MET A 289 9.58 -3.50 1.43
CA MET A 289 9.07 -3.58 0.08
C MET A 289 7.68 -4.21 0.10
N ASN A 290 6.72 -3.51 -0.50
CA ASN A 290 5.39 -4.06 -0.67
C ASN A 290 5.35 -4.83 -1.98
N THR A 291 5.03 -6.11 -1.90
CA THR A 291 5.09 -6.99 -3.07
C THR A 291 3.68 -7.21 -3.65
N ARG A 292 3.06 -6.09 -4.00
CA ARG A 292 1.68 -6.03 -4.44
C ARG A 292 1.42 -4.63 -4.97
N VAL A 293 0.24 -4.45 -5.55
CA VAL A 293 -0.25 -3.12 -5.90
C VAL A 293 -0.54 -2.38 -4.60
N GLN A 294 -0.40 -1.06 -4.62
CA GLN A 294 -0.67 -0.26 -3.43
C GLN A 294 -1.99 0.51 -3.54
N VAL A 295 -2.57 0.81 -2.39
CA VAL A 295 -3.74 1.70 -2.30
C VAL A 295 -3.50 2.91 -3.18
N GLU A 296 -2.35 3.55 -2.98
CA GLU A 296 -2.03 4.85 -3.57
C GLU A 296 -1.28 4.77 -4.92
N HIS A 297 -1.44 3.67 -5.65
CA HIS A 297 -0.88 3.58 -7.01
C HIS A 297 -1.35 4.70 -7.99
N PRO A 298 -2.57 5.28 -7.80
CA PRO A 298 -3.05 6.30 -8.77
C PRO A 298 -2.25 7.57 -8.95
N VAL A 299 -1.64 8.12 -7.90
CA VAL A 299 -0.87 9.34 -8.05
C VAL A 299 0.30 9.11 -9.01
N SER A 300 0.92 7.93 -8.90
CA SER A 300 2.00 7.55 -9.80
C SER A 300 1.50 7.38 -11.23
N GLU A 301 0.26 6.90 -11.37
CA GLU A 301 -0.37 6.72 -12.68
C GLU A 301 -0.63 8.07 -13.33
N MET A 302 -1.04 9.04 -12.50
CA MET A 302 -1.29 10.41 -12.97
C MET A 302 -0.02 11.10 -13.55
N VAL A 303 1.10 10.98 -12.85
CA VAL A 303 2.31 11.69 -13.23
C VAL A 303 3.13 11.00 -14.36
N THR A 304 2.94 9.70 -14.53
CA THR A 304 3.61 8.92 -15.59
C THR A 304 2.70 8.52 -16.74
N GLY A 305 1.40 8.47 -16.51
CA GLY A 305 0.44 8.02 -17.53
C GLY A 305 0.55 6.54 -17.85
N VAL A 306 1.27 5.81 -17.00
CA VAL A 306 1.34 4.36 -17.08
C VAL A 306 0.27 3.76 -16.18
N ASP A 307 -0.49 2.84 -16.73
CA ASP A 307 -1.52 2.13 -15.99
C ASP A 307 -0.90 0.89 -15.35
N ILE A 308 -0.75 0.98 -14.03
CA ILE A 308 -0.02 0.01 -13.25
C ILE A 308 -0.72 -1.34 -13.23
N VAL A 309 -2.05 -1.33 -13.12
CA VAL A 309 -2.82 -2.58 -13.02
C VAL A 309 -2.90 -3.31 -14.36
N LYS A 310 -2.98 -2.54 -15.45
CA LYS A 310 -2.98 -3.12 -16.79
C LYS A 310 -1.62 -3.76 -17.05
N GLU A 311 -0.55 -3.05 -16.71
CA GLU A 311 0.81 -3.61 -16.80
C GLU A 311 0.95 -4.90 -16.00
N MET A 312 0.53 -4.87 -14.74
CA MET A 312 0.47 -6.09 -13.91
C MET A 312 -0.15 -7.26 -14.65
N LEU A 313 -1.31 -7.02 -15.25
CA LEU A 313 -2.07 -8.07 -15.96
C LEU A 313 -1.38 -8.53 -17.24
N ARG A 314 -0.72 -7.59 -17.93
CA ARG A 314 0.08 -7.92 -19.11
C ARG A 314 1.28 -8.81 -18.74
N ILE A 315 2.03 -8.37 -17.74
CA ILE A 315 3.15 -9.13 -17.19
C ILE A 315 2.76 -10.57 -16.81
N ALA A 316 1.65 -10.68 -16.07
CA ALA A 316 1.07 -11.94 -15.62
C ALA A 316 0.65 -12.82 -16.79
N SER A 317 0.23 -12.20 -17.89
CA SER A 317 -0.15 -12.97 -19.08
C SER A 317 1.09 -13.39 -19.88
N GLY A 318 2.28 -13.00 -19.41
CA GLY A 318 3.55 -13.44 -19.96
C GLY A 318 4.23 -12.47 -20.91
N GLU A 319 3.74 -11.23 -20.98
CA GLU A 319 4.32 -10.23 -21.87
C GLU A 319 5.57 -9.59 -21.29
N LYS A 320 6.57 -9.35 -22.14
CA LYS A 320 7.65 -8.43 -21.83
C LYS A 320 7.08 -7.07 -21.50
N LEU A 321 7.75 -6.35 -20.60
CA LEU A 321 7.49 -4.93 -20.41
C LEU A 321 7.68 -4.21 -21.74
N SER A 322 6.64 -3.49 -22.17
CA SER A 322 6.68 -2.69 -23.39
C SER A 322 7.43 -1.38 -23.12
N ILE A 323 7.09 -0.74 -22.01
CA ILE A 323 7.57 0.60 -21.68
C ILE A 323 9.06 0.62 -21.23
N ARG A 324 9.85 1.47 -21.86
CA ARG A 324 11.26 1.69 -21.49
C ARG A 324 11.36 2.88 -20.55
N GLN A 325 12.46 2.98 -19.82
CA GLN A 325 12.63 4.10 -18.87
C GLN A 325 12.72 5.45 -19.61
N GLU A 326 13.35 5.44 -20.78
CA GLU A 326 13.33 6.58 -21.71
C GLU A 326 11.97 7.27 -21.79
N ASP A 327 10.93 6.46 -21.87
CA ASP A 327 9.60 6.90 -22.20
C ASP A 327 8.82 7.31 -20.96
N VAL A 328 9.30 6.89 -19.79
CA VAL A 328 8.70 7.25 -18.52
C VAL A 328 9.14 8.67 -18.14
N VAL A 329 8.24 9.62 -18.33
CA VAL A 329 8.47 11.01 -17.98
C VAL A 329 7.53 11.38 -16.83
N ILE A 330 8.09 11.77 -15.69
CA ILE A 330 7.26 12.23 -14.58
C ILE A 330 6.89 13.69 -14.89
N ARG A 331 5.59 13.96 -15.03
CA ARG A 331 5.11 15.30 -15.39
C ARG A 331 3.95 15.72 -14.46
N GLY A 332 4.00 16.95 -13.97
CA GLY A 332 2.97 17.47 -13.09
C GLY A 332 3.07 16.94 -11.68
N HIS A 333 1.98 17.03 -10.95
CA HIS A 333 1.97 16.61 -9.56
C HIS A 333 0.57 16.08 -9.24
N ALA A 334 0.49 15.00 -8.47
CA ALA A 334 -0.79 14.38 -8.11
C ALA A 334 -0.93 14.25 -6.61
N LEU A 335 -2.18 14.21 -6.17
CA LEU A 335 -2.55 14.23 -4.76
C LEU A 335 -3.71 13.28 -4.56
N GLU A 336 -3.61 12.41 -3.55
CA GLU A 336 -4.68 11.48 -3.21
C GLU A 336 -5.16 11.68 -1.78
N CYS A 337 -6.48 11.82 -1.61
CA CYS A 337 -7.10 11.83 -0.29
C CYS A 337 -7.85 10.53 -0.10
N ARG A 338 -7.51 9.78 0.95
CA ARG A 338 -8.25 8.57 1.32
C ARG A 338 -9.56 8.93 2.02
N ILE A 339 -10.69 8.62 1.36
CA ILE A 339 -12.00 8.87 1.94
C ILE A 339 -12.44 7.63 2.71
N ASN A 340 -12.54 7.78 4.02
CA ASN A 340 -12.85 6.68 4.91
C ASN A 340 -14.17 6.93 5.62
N ALA A 341 -14.99 5.88 5.70
CA ALA A 341 -16.22 5.89 6.49
C ALA A 341 -15.86 5.68 7.95
N GLU A 342 -15.58 6.77 8.64
CA GLU A 342 -15.17 6.75 10.02
C GLU A 342 -15.61 8.07 10.60
N ASP A 343 -15.52 8.21 11.92
CA ASP A 343 -15.77 9.51 12.52
C ASP A 343 -14.54 10.39 12.29
N PRO A 344 -14.72 11.59 11.72
CA PRO A 344 -13.56 12.48 11.44
C PRO A 344 -12.73 12.88 12.68
N LYS A 345 -13.29 12.75 13.88
CA LYS A 345 -12.64 13.16 15.14
C LYS A 345 -12.28 11.99 16.08
N THR A 346 -13.14 10.98 16.17
CA THR A 346 -12.88 9.80 17.02
C THR A 346 -12.33 8.61 16.23
N PHE A 347 -12.42 8.69 14.90
CA PHE A 347 -11.88 7.68 13.96
C PHE A 347 -12.51 6.29 14.14
N MET A 348 -13.71 6.27 14.70
CA MET A 348 -14.46 5.03 14.87
C MET A 348 -15.24 4.77 13.58
N PRO A 349 -15.11 3.55 13.03
CA PRO A 349 -15.71 3.29 11.72
C PRO A 349 -17.23 3.54 11.70
N SER A 350 -17.73 3.95 10.53
CA SER A 350 -19.10 4.42 10.39
C SER A 350 -19.78 3.67 9.24
N PRO A 351 -20.26 2.44 9.50
CA PRO A 351 -21.05 1.70 8.52
C PRO A 351 -22.41 2.34 8.33
N GLY A 352 -23.01 2.13 7.16
CA GLY A 352 -24.33 2.68 6.89
C GLY A 352 -24.78 2.86 5.45
N LYS A 353 -26.04 3.24 5.30
CA LYS A 353 -26.63 3.47 4.00
C LYS A 353 -26.23 4.85 3.50
N VAL A 354 -25.61 4.87 2.33
CA VAL A 354 -25.28 6.12 1.67
C VAL A 354 -26.54 6.55 0.92
N LYS A 355 -27.35 7.39 1.59
CA LYS A 355 -28.59 7.89 1.02
C LYS A 355 -28.35 8.71 -0.24
N HIS A 356 -27.20 9.38 -0.32
CA HIS A 356 -26.86 10.18 -1.48
C HIS A 356 -25.34 10.29 -1.62
N PHE A 357 -24.83 9.84 -2.76
CA PHE A 357 -23.42 9.94 -3.10
C PHE A 357 -23.26 10.84 -4.33
N HIS A 358 -22.46 11.89 -4.20
CA HIS A 358 -22.08 12.71 -5.35
C HIS A 358 -20.56 12.88 -5.42
N ALA A 359 -20.01 12.54 -6.59
CA ALA A 359 -18.57 12.53 -6.80
C ALA A 359 -18.08 13.85 -7.41
N PRO A 360 -16.93 14.38 -6.93
CA PRO A 360 -16.41 15.59 -7.56
C PRO A 360 -15.97 15.31 -8.99
N GLY A 361 -15.86 16.35 -9.81
CA GLY A 361 -15.43 16.22 -11.21
C GLY A 361 -14.66 17.42 -11.72
N GLY A 362 -14.39 17.42 -13.02
CA GLY A 362 -13.71 18.54 -13.66
C GLY A 362 -12.28 18.21 -14.06
N ASN A 363 -11.55 19.22 -14.50
CA ASN A 363 -10.19 19.05 -15.00
C ASN A 363 -9.26 18.60 -13.87
N GLY A 364 -8.59 17.47 -14.07
CA GLY A 364 -7.57 16.99 -13.14
C GLY A 364 -8.11 16.37 -11.86
N VAL A 365 -9.33 15.83 -11.94
CA VAL A 365 -10.03 15.22 -10.80
C VAL A 365 -10.39 13.77 -11.16
N ARG A 366 -9.85 12.83 -10.43
CA ARG A 366 -10.11 11.41 -10.61
C ARG A 366 -10.71 10.86 -9.32
N VAL A 367 -11.65 9.93 -9.47
CA VAL A 367 -12.27 9.31 -8.33
C VAL A 367 -12.31 7.81 -8.50
N ASP A 368 -11.75 7.11 -7.52
CA ASP A 368 -11.77 5.66 -7.48
C ASP A 368 -12.58 5.28 -6.27
N SER A 369 -13.82 4.84 -6.50
CA SER A 369 -14.74 4.47 -5.43
C SER A 369 -15.84 3.54 -5.92
N HIS A 370 -16.19 2.58 -5.08
CA HIS A 370 -17.33 1.66 -5.30
C HIS A 370 -18.64 2.20 -4.69
N LEU A 371 -18.61 3.40 -4.12
CA LEU A 371 -19.83 4.02 -3.62
C LEU A 371 -20.83 4.31 -4.74
N TYR A 372 -22.10 4.24 -4.37
CA TYR A 372 -23.23 4.68 -5.19
C TYR A 372 -24.40 4.94 -4.24
N SER A 373 -25.35 5.78 -4.67
CA SER A 373 -26.52 6.13 -3.82
C SER A 373 -27.41 4.92 -3.56
N GLY A 374 -27.73 4.68 -2.29
CA GLY A 374 -28.52 3.52 -1.88
C GLY A 374 -27.67 2.37 -1.35
N TYR A 375 -26.35 2.52 -1.43
CA TYR A 375 -25.40 1.48 -1.03
C TYR A 375 -25.15 1.52 0.46
N SER A 376 -25.16 0.35 1.09
CA SER A 376 -24.89 0.22 2.52
C SER A 376 -23.47 -0.27 2.75
N VAL A 377 -22.68 0.55 3.45
CA VAL A 377 -21.35 0.15 3.88
C VAL A 377 -21.48 -0.83 5.06
N PRO A 378 -20.94 -2.05 4.93
CA PRO A 378 -21.01 -3.02 6.01
C PRO A 378 -19.96 -2.72 7.08
N PRO A 379 -20.18 -3.23 8.31
CA PRO A 379 -19.28 -2.98 9.44
C PRO A 379 -18.02 -3.84 9.49
N ASN A 380 -17.93 -4.85 8.64
CA ASN A 380 -17.00 -5.97 8.85
C ASN A 380 -15.58 -5.75 8.35
N TYR A 381 -15.34 -4.71 7.54
CA TYR A 381 -14.07 -4.58 6.79
C TYR A 381 -13.37 -3.23 7.03
N ASP A 382 -12.34 -2.93 6.25
CA ASP A 382 -11.63 -1.62 6.36
C ASP A 382 -12.59 -0.47 6.14
N SER A 383 -12.16 0.75 6.49
CA SER A 383 -13.02 1.94 6.42
C SER A 383 -12.94 2.71 5.09
N LEU A 384 -12.11 2.26 4.17
CA LEU A 384 -11.88 2.93 2.89
C LEU A 384 -13.08 2.79 1.95
N VAL A 385 -13.72 3.91 1.64
CA VAL A 385 -14.88 3.91 0.74
C VAL A 385 -14.60 4.49 -0.66
N GLY A 386 -13.55 5.30 -0.75
CA GLY A 386 -13.16 5.91 -2.02
C GLY A 386 -11.88 6.70 -1.89
N LYS A 387 -11.30 7.02 -3.04
CA LYS A 387 -10.07 7.81 -3.14
C LYS A 387 -10.31 8.97 -4.09
N VAL A 388 -10.17 10.19 -3.59
CA VAL A 388 -10.22 11.39 -4.44
C VAL A 388 -8.77 11.75 -4.79
N ILE A 389 -8.53 11.95 -6.07
CA ILE A 389 -7.18 12.08 -6.59
C ILE A 389 -7.20 13.23 -7.56
N THR A 390 -6.36 14.23 -7.31
CA THR A 390 -6.25 15.37 -8.21
C THR A 390 -4.88 15.42 -8.87
N TYR A 391 -4.80 16.10 -10.00
CA TYR A 391 -3.58 16.20 -10.79
C TYR A 391 -3.48 17.62 -11.34
N GLY A 392 -2.28 18.19 -11.37
CA GLY A 392 -2.08 19.54 -11.89
C GLY A 392 -0.71 19.71 -12.50
N ALA A 393 -0.46 20.90 -13.07
CA ALA A 393 0.85 21.25 -13.62
C ALA A 393 1.93 21.34 -12.54
N ASP A 394 1.50 21.67 -11.33
CA ASP A 394 2.38 21.64 -10.15
C ASP A 394 1.60 21.28 -8.89
N ARG A 395 2.32 21.19 -7.79
CA ARG A 395 1.76 20.80 -6.50
C ARG A 395 0.67 21.78 -6.05
N ASP A 396 0.95 23.08 -6.17
CA ASP A 396 -0.06 24.10 -5.85
C ASP A 396 -1.35 23.88 -6.64
N GLU A 397 -1.25 23.51 -7.92
CA GLU A 397 -2.44 23.27 -8.74
C GLU A 397 -3.19 22.01 -8.30
N ALA A 398 -2.47 20.95 -7.93
CA ALA A 398 -3.11 19.74 -7.39
C ALA A 398 -3.83 20.02 -6.08
N LEU A 399 -3.21 20.86 -5.23
CA LEU A 399 -3.82 21.25 -3.97
C LEU A 399 -5.10 22.06 -4.21
N ALA A 400 -5.05 23.00 -5.15
CA ALA A 400 -6.20 23.83 -5.45
C ALA A 400 -7.39 22.98 -5.91
N ARG A 401 -7.12 21.99 -6.74
CA ARG A 401 -8.14 21.10 -7.27
C ARG A 401 -8.71 20.13 -6.23
N MET A 402 -7.89 19.73 -5.26
CA MET A 402 -8.37 18.86 -4.17
C MET A 402 -9.34 19.64 -3.31
N ARG A 403 -9.02 20.89 -3.00
CA ARG A 403 -9.97 21.76 -2.29
C ARG A 403 -11.34 21.76 -2.97
N ASN A 404 -11.34 22.16 -4.24
CA ASN A 404 -12.54 22.11 -5.09
C ASN A 404 -13.24 20.76 -5.05
N ALA A 405 -12.50 19.70 -5.34
CA ALA A 405 -13.05 18.36 -5.32
C ALA A 405 -13.71 18.03 -3.98
N LEU A 406 -12.97 18.28 -2.89
CA LEU A 406 -13.48 18.03 -1.54
C LEU A 406 -14.76 18.82 -1.25
N ASP A 407 -14.89 20.03 -1.82
CA ASP A 407 -16.09 20.86 -1.69
C ASP A 407 -17.33 20.24 -2.35
N GLU A 408 -17.13 19.44 -3.39
CA GLU A 408 -18.25 18.88 -4.16
C GLU A 408 -18.64 17.48 -3.72
N LEU A 409 -17.73 16.80 -3.02
CA LEU A 409 -17.96 15.44 -2.55
C LEU A 409 -19.07 15.35 -1.50
N ILE A 410 -20.06 14.51 -1.78
CA ILE A 410 -21.15 14.25 -0.85
C ILE A 410 -21.28 12.76 -0.61
N VAL A 411 -21.04 12.35 0.63
CA VAL A 411 -21.31 11.00 1.07
C VAL A 411 -22.30 11.14 2.20
N ASP A 412 -23.55 11.34 1.81
CA ASP A 412 -24.64 11.63 2.74
C ASP A 412 -25.21 10.35 3.33
N GLY A 413 -25.33 10.29 4.67
CA GLY A 413 -25.86 9.12 5.36
C GLY A 413 -24.91 8.50 6.40
N ILE A 414 -23.62 8.68 6.19
CA ILE A 414 -22.60 8.19 7.11
C ILE A 414 -21.52 9.25 7.33
N LYS A 415 -20.70 9.07 8.35
CA LYS A 415 -19.62 10.01 8.63
C LYS A 415 -18.36 9.63 7.87
N THR A 416 -17.64 10.64 7.40
CA THR A 416 -16.37 10.43 6.75
C THR A 416 -15.32 11.38 7.33
N ASN A 417 -14.06 11.16 6.93
CA ASN A 417 -12.95 12.04 7.28
C ASN A 417 -12.74 13.18 6.29
N THR A 418 -13.78 13.55 5.56
CA THR A 418 -13.66 14.57 4.52
C THR A 418 -13.23 15.94 5.05
N GLU A 419 -13.79 16.34 6.18
CA GLU A 419 -13.45 17.61 6.82
C GLU A 419 -12.01 17.64 7.33
N LEU A 420 -11.45 16.49 7.67
CA LEU A 420 -10.04 16.43 8.01
C LEU A 420 -9.19 16.76 6.78
N HIS A 421 -9.56 16.18 5.64
CA HIS A 421 -8.84 16.44 4.41
C HIS A 421 -8.95 17.91 4.02
N LYS A 422 -10.15 18.48 4.14
CA LYS A 422 -10.36 19.90 3.87
C LYS A 422 -9.42 20.81 4.67
N ASP A 423 -9.21 20.48 5.94
CA ASP A 423 -8.22 21.19 6.78
C ASP A 423 -6.78 20.96 6.30
N LEU A 424 -6.42 19.70 6.04
CA LEU A 424 -5.06 19.37 5.65
C LEU A 424 -4.60 20.06 4.38
N VAL A 425 -5.48 20.15 3.39
CA VAL A 425 -5.16 20.85 2.14
C VAL A 425 -5.17 22.38 2.27
N ARG A 426 -5.48 22.88 3.46
CA ARG A 426 -5.36 24.31 3.76
C ARG A 426 -4.36 24.59 4.89
N ASP A 427 -3.72 23.53 5.38
CA ASP A 427 -2.71 23.59 6.44
C ASP A 427 -1.42 24.22 5.90
N ALA A 428 -0.87 25.18 6.63
CA ALA A 428 0.23 26.01 6.16
C ALA A 428 1.49 25.19 5.92
N ALA A 429 1.80 24.32 6.88
CA ALA A 429 2.94 23.42 6.80
C ALA A 429 2.80 22.43 5.65
N PHE A 430 1.61 21.87 5.46
CA PHE A 430 1.43 20.89 4.42
C PHE A 430 1.36 21.55 3.03
N CYS A 431 0.66 22.67 2.94
CA CYS A 431 0.70 23.49 1.70
C CYS A 431 2.10 23.97 1.35
N LYS A 432 2.96 24.14 2.34
CA LYS A 432 4.38 24.42 2.09
C LYS A 432 5.06 23.17 1.55
N GLY A 433 4.78 22.01 2.17
CA GLY A 433 5.27 20.75 1.68
C GLY A 433 6.46 20.19 2.45
N GLY A 434 6.67 18.89 2.30
CA GLY A 434 7.77 18.18 2.95
C GLY A 434 7.65 17.99 4.46
N VAL A 435 6.44 17.79 4.94
CA VAL A 435 6.23 17.47 6.36
C VAL A 435 6.65 16.02 6.62
N ASN A 436 7.08 15.77 7.86
CA ASN A 436 7.58 14.47 8.28
C ASN A 436 6.47 13.55 8.75
N ILE A 437 6.83 12.29 8.96
CA ILE A 437 5.88 11.24 9.35
C ILE A 437 5.19 11.48 10.71
N HIS A 438 5.77 12.35 11.53
CA HIS A 438 5.23 12.65 12.86
C HIS A 438 4.34 13.89 12.89
N TYR A 439 4.16 14.55 11.75
CA TYR A 439 3.51 15.86 11.71
C TYR A 439 2.00 15.82 12.00
N LEU A 440 1.31 14.84 11.42
CA LEU A 440 -0.16 14.81 11.50
C LEU A 440 -0.64 14.61 12.93
N GLU A 441 -0.08 13.62 13.62
CA GLU A 441 -0.45 13.36 15.02
C GLU A 441 -0.04 14.51 15.93
N LYS A 442 1.13 15.09 15.65
CA LYS A 442 1.59 16.29 16.33
C LYS A 442 0.58 17.44 16.13
N LYS A 443 0.14 17.64 14.89
CA LYS A 443 -0.87 18.63 14.57
C LYS A 443 -2.18 18.41 15.32
N LEU A 444 -2.56 17.15 15.48
CA LEU A 444 -3.94 16.76 15.81
C LEU A 444 -4.52 16.91 17.23
N GLY A 445 -3.80 16.64 18.31
CA GLY A 445 -2.40 16.96 18.51
C GLY A 445 -2.50 18.21 19.37
N MET A 446 -2.59 19.36 18.70
CA MET A 446 -3.02 20.61 19.32
C MET A 446 -4.56 20.66 19.31
N ASP A 447 -5.12 20.30 20.46
CA ASP A 447 -6.54 19.95 20.57
C ASP A 447 -6.98 20.04 22.03
PB AP2 B . 4.57 -1.81 8.14
O1B AP2 B . 4.10 -0.80 7.12
O2B AP2 B . 3.58 -2.05 9.24
O3B AP2 B . 5.13 -3.09 7.56
C3A AP2 B . 5.89 -1.05 9.07
PA AP2 B . 6.98 -0.03 8.07
O1A AP2 B . 8.39 -0.49 8.36
O2A AP2 B . 6.56 0.04 6.63
O5' AP2 B . 6.78 1.42 8.67
C5' AP2 B . 5.54 2.08 8.52
C4' AP2 B . 5.64 3.43 9.24
O4' AP2 B . 6.16 3.26 10.56
C3' AP2 B . 6.57 4.39 8.54
O3' AP2 B . 5.93 5.12 7.49
C2' AP2 B . 6.97 5.29 9.68
O2' AP2 B . 5.97 6.28 9.89
C1' AP2 B . 7.05 4.33 10.86
N9 AP2 B . 8.45 3.86 10.99
C8 AP2 B . 8.97 2.70 10.51
N7 AP2 B . 10.30 2.60 10.80
C5 AP2 B . 10.63 3.72 11.47
C6 AP2 B . 11.88 4.27 12.04
N6 AP2 B . 13.03 3.57 11.97
N1 AP2 B . 11.82 5.49 12.65
C2 AP2 B . 10.67 6.19 12.73
N3 AP2 B . 9.51 5.74 12.21
C4 AP2 B . 9.43 4.55 11.59
MG MG C . 4.66 -0.33 5.25
S SO4 D . 5.67 -6.68 4.18
O1 SO4 D . 6.90 -6.16 3.60
O2 SO4 D . 4.81 -5.57 4.59
O3 SO4 D . 4.97 -7.47 3.17
O4 SO4 D . 6.00 -7.52 5.34
#